data_4DQZ
#
_entry.id   4DQZ
#
_cell.length_a   68.503
_cell.length_b   68.503
_cell.length_c   165.660
_cell.angle_alpha   90.00
_cell.angle_beta   90.00
_cell.angle_gamma   120.00
#
_symmetry.space_group_name_H-M   'P 65'
#
loop_
_entity.id
_entity.type
_entity.pdbx_description
1 polymer 'Methyltransferase type 12'
2 water water
#
_entity_poly.entity_id   1
_entity_poly.type   'polypeptide(L)'
_entity_poly.pdbx_seq_one_letter_code
;MILTITYTQPPATDLGYLLHKNPSRPQTFELNHGKAHIFYPEATSERCTVALLLDIDPIDLARGKKGSSGEGGLFDYVND
RPYVSSSFMSVAISRVFGTAMSGKCKEKPELAAIKLPLKAKIMMLPCKGGEEIIYRLFEPLGYKVDVEGYMLDEKFPEWG
KSRYYTVSLEGEVRVRDLLNHIYVLIPVLDSEKHYWVGEDEIDKLFQHGEGWLVDHPEKELITGRYLIRK
;
_entity_poly.pdbx_strand_id   A,B
#
# COMPACT_ATOMS: atom_id res chain seq x y z
N MET A 1 -10.88 5.77 -4.37
CA MET A 1 -10.05 6.42 -3.37
C MET A 1 -9.37 5.37 -2.50
N ILE A 2 -8.43 5.78 -1.68
CA ILE A 2 -7.66 4.83 -0.90
C ILE A 2 -7.62 5.23 0.59
N LEU A 3 -7.66 4.24 1.46
CA LEU A 3 -7.47 4.48 2.88
C LEU A 3 -6.29 3.66 3.37
N THR A 4 -5.35 4.29 4.07
CA THR A 4 -4.34 3.52 4.79
C THR A 4 -4.39 3.78 6.29
N ILE A 5 -4.01 2.77 7.07
CA ILE A 5 -3.85 2.96 8.50
C ILE A 5 -2.49 2.40 8.98
N THR A 6 -1.74 3.24 9.68
CA THR A 6 -0.41 2.84 10.15
C THR A 6 -0.30 2.84 11.66
N TYR A 7 0.35 1.82 12.21
CA TYR A 7 0.55 1.62 13.64
C TYR A 7 1.95 1.10 13.87
N THR A 8 2.66 1.68 14.83
CA THR A 8 4.06 1.32 15.05
C THR A 8 4.44 0.91 16.48
N GLN A 9 3.47 0.51 17.32
CA GLN A 9 3.79 0.06 18.68
C GLN A 9 4.15 -1.42 18.67
N PRO A 10 5.40 -1.72 19.02
CA PRO A 10 5.93 -3.06 18.73
C PRO A 10 5.37 -4.08 19.72
N PRO A 11 4.57 -5.03 19.26
CA PRO A 11 4.39 -5.75 17.99
C PRO A 11 3.42 -5.04 17.04
N ALA A 12 3.91 -4.22 16.12
CA ALA A 12 3.03 -3.42 15.28
C ALA A 12 2.04 -4.29 14.49
N THR A 13 2.41 -5.55 14.25
CA THR A 13 1.51 -6.52 13.66
C THR A 13 0.21 -6.75 14.44
N ASP A 14 0.11 -6.20 15.64
CA ASP A 14 -1.13 -6.29 16.40
C ASP A 14 -2.28 -5.60 15.65
N LEU A 15 -1.95 -4.63 14.79
CA LEU A 15 -2.98 -3.98 13.98
C LEU A 15 -3.75 -5.05 13.19
N GLY A 16 -3.07 -6.11 12.80
CA GLY A 16 -3.74 -7.21 12.15
C GLY A 16 -4.88 -7.80 12.96
N TYR A 17 -4.66 -8.07 14.25
CA TYR A 17 -5.74 -8.60 15.10
C TYR A 17 -6.83 -7.57 15.33
N LEU A 18 -6.43 -6.32 15.58
CA LEU A 18 -7.40 -5.23 15.77
C LEU A 18 -8.34 -5.05 14.58
N LEU A 19 -7.82 -5.17 13.37
CA LEU A 19 -8.61 -4.97 12.16
C LEU A 19 -9.27 -6.25 11.74
N HIS A 20 -8.86 -7.35 12.37
CA HIS A 20 -9.35 -8.68 12.04
C HIS A 20 -9.16 -9.02 10.56
N LYS A 21 -7.95 -8.80 10.08
CA LYS A 21 -7.59 -9.05 8.70
C LYS A 21 -6.13 -9.46 8.73
N ASN A 22 -5.84 -10.67 8.29
CA ASN A 22 -4.47 -11.20 8.31
C ASN A 22 -3.59 -10.48 7.28
N PRO A 23 -2.50 -9.88 7.75
CA PRO A 23 -1.50 -9.18 6.94
C PRO A 23 -0.94 -10.04 5.80
N SER A 24 -0.84 -11.34 6.02
CA SER A 24 -0.26 -12.23 5.00
C SER A 24 -1.22 -12.60 3.90
N ARG A 25 -2.45 -12.11 3.97
CA ARG A 25 -3.42 -12.53 2.97
C ARG A 25 -4.25 -11.43 2.32
N PRO A 26 -3.68 -10.77 1.30
CA PRO A 26 -4.43 -9.78 0.50
C PRO A 26 -5.79 -10.34 0.10
N GLN A 27 -6.78 -9.48 -0.05
CA GLN A 27 -8.11 -9.98 -0.30
C GLN A 27 -8.91 -8.96 -1.10
N THR A 28 -9.83 -9.46 -1.91
CA THR A 28 -10.68 -8.59 -2.70
C THR A 28 -12.14 -8.84 -2.35
N PHE A 29 -12.91 -7.75 -2.32
CA PHE A 29 -14.32 -7.81 -1.99
C PHE A 29 -15.08 -7.20 -3.14
N GLU A 30 -16.08 -7.94 -3.62
CA GLU A 30 -16.95 -7.45 -4.69
C GLU A 30 -18.05 -6.66 -4.05
N LEU A 31 -18.31 -5.47 -4.58
CA LEU A 31 -19.31 -4.61 -3.98
C LEU A 31 -20.42 -4.28 -4.95
N ASN A 32 -21.39 -3.52 -4.47
CA ASN A 32 -22.27 -2.87 -5.40
C ASN A 32 -21.39 -2.00 -6.31
N HIS A 33 -21.35 -2.34 -7.60
CA HIS A 33 -20.68 -1.53 -8.63
C HIS A 33 -19.22 -1.13 -8.34
N GLY A 34 -18.40 -2.12 -7.98
CA GLY A 34 -16.97 -1.89 -7.82
C GLY A 34 -16.29 -2.95 -6.97
N LYS A 35 -14.97 -2.82 -6.82
CA LYS A 35 -14.19 -3.71 -5.95
C LYS A 35 -13.49 -2.94 -4.84
N ALA A 36 -13.27 -3.63 -3.72
CA ALA A 36 -12.39 -3.16 -2.66
C ALA A 36 -11.24 -4.16 -2.48
N HIS A 37 -10.01 -3.66 -2.52
CA HIS A 37 -8.83 -4.49 -2.30
C HIS A 37 -8.25 -4.09 -0.94
N ILE A 38 -7.89 -5.08 -0.14
CA ILE A 38 -7.23 -4.80 1.11
C ILE A 38 -5.93 -5.58 1.19
N PHE A 39 -4.87 -4.92 1.63
CA PHE A 39 -3.64 -5.63 1.88
C PHE A 39 -2.82 -4.78 2.83
N TYR A 40 -1.74 -5.38 3.30
CA TYR A 40 -0.83 -4.68 4.18
C TYR A 40 0.50 -4.49 3.48
N PRO A 41 0.78 -3.27 3.02
CA PRO A 41 2.10 -3.01 2.43
C PRO A 41 3.23 -3.26 3.42
N GLU A 42 2.93 -3.20 4.72
CA GLU A 42 3.96 -3.39 5.73
C GLU A 42 3.38 -4.10 6.94
N ALA A 43 4.06 -5.15 7.41
CA ALA A 43 3.58 -5.94 8.55
C ALA A 43 4.75 -6.52 9.33
N THR A 44 5.54 -5.65 9.94
CA THR A 44 6.62 -6.08 10.80
C THR A 44 6.33 -5.69 12.25
N SER A 45 7.24 -6.06 13.13
CA SER A 45 7.14 -5.69 14.54
C SER A 45 7.33 -4.19 14.73
N GLU A 46 8.04 -3.54 13.82
CA GLU A 46 8.29 -2.11 13.95
C GLU A 46 7.18 -1.26 13.31
N ARG A 47 6.56 -1.76 12.24
CA ARG A 47 5.60 -0.95 11.46
C ARG A 47 4.52 -1.82 10.86
N CYS A 48 3.28 -1.34 10.89
CA CYS A 48 2.22 -2.09 10.23
C CYS A 48 1.24 -1.13 9.59
N THR A 49 0.98 -1.36 8.30
CA THR A 49 0.17 -0.47 7.50
C THR A 49 -0.82 -1.26 6.69
N VAL A 50 -2.09 -0.91 6.81
CA VAL A 50 -3.11 -1.59 6.04
C VAL A 50 -3.52 -0.61 4.94
N ALA A 51 -3.88 -1.13 3.78
CA ALA A 51 -4.42 -0.28 2.71
C ALA A 51 -5.74 -0.83 2.22
N LEU A 52 -6.65 0.05 1.90
CA LEU A 52 -7.91 -0.38 1.33
C LEU A 52 -8.16 0.47 0.11
N LEU A 53 -8.14 -0.19 -1.03
CA LEU A 53 -8.12 0.55 -2.29
C LEU A 53 -9.48 0.32 -2.93
N LEU A 54 -10.15 1.40 -3.29
CA LEU A 54 -11.47 1.29 -3.92
C LEU A 54 -11.43 1.41 -5.43
N ASP A 55 -12.05 0.46 -6.10
CA ASP A 55 -12.09 0.51 -7.55
C ASP A 55 -13.56 0.54 -7.95
N ILE A 56 -14.04 1.70 -8.37
CA ILE A 56 -15.47 1.87 -8.69
C ILE A 56 -15.76 1.81 -10.20
N ASP A 57 -16.88 1.15 -10.51
CA ASP A 57 -17.39 0.76 -11.85
C ASP A 57 -17.16 -0.72 -12.12
N SER A 87 -19.35 7.89 0.03
CA SER A 87 -20.29 6.87 0.52
C SER A 87 -19.87 5.43 0.20
N PHE A 88 -19.25 5.24 -0.96
CA PHE A 88 -18.72 3.93 -1.35
C PHE A 88 -17.60 3.46 -0.41
N MET A 89 -16.77 4.39 0.06
CA MET A 89 -15.72 4.06 1.02
C MET A 89 -16.28 3.63 2.35
N SER A 90 -17.33 4.33 2.78
CA SER A 90 -18.00 4.03 4.04
C SER A 90 -18.51 2.61 3.98
N VAL A 91 -19.19 2.30 2.88
CA VAL A 91 -19.65 0.94 2.62
C VAL A 91 -18.50 -0.05 2.69
N ALA A 92 -17.42 0.29 2.00
CA ALA A 92 -16.26 -0.59 1.98
C ALA A 92 -15.70 -0.74 3.40
N ILE A 93 -15.65 0.36 4.14
CA ILE A 93 -15.10 0.32 5.49
C ILE A 93 -15.91 -0.59 6.40
N SER A 94 -17.23 -0.40 6.39
CA SER A 94 -18.08 -1.26 7.21
C SER A 94 -18.09 -2.72 6.72
N ARG A 95 -18.09 -2.96 5.41
CA ARG A 95 -17.92 -4.34 4.93
C ARG A 95 -16.60 -4.99 5.39
N VAL A 96 -15.50 -4.25 5.31
CA VAL A 96 -14.18 -4.87 5.50
C VAL A 96 -13.71 -4.83 6.96
N PHE A 97 -14.04 -3.74 7.65
CA PHE A 97 -13.54 -3.54 9.01
C PHE A 97 -14.71 -3.56 9.99
N GLY A 98 -15.70 -4.39 9.69
CA GLY A 98 -16.89 -4.53 10.51
C GLY A 98 -16.64 -4.80 11.98
N THR A 99 -15.97 -5.90 12.29
CA THR A 99 -15.78 -6.25 13.68
C THR A 99 -14.93 -5.22 14.47
N ALA A 100 -13.91 -4.65 13.81
CA ALA A 100 -13.09 -3.62 14.44
C ALA A 100 -13.92 -2.40 14.79
N MET A 101 -14.94 -2.15 13.99
CA MET A 101 -15.79 -1.02 14.26
C MET A 101 -16.57 -1.24 15.55
N SER A 102 -16.92 -2.50 15.82
CA SER A 102 -17.74 -2.82 16.99
C SER A 102 -16.97 -2.57 18.27
N GLY A 103 -15.65 -2.56 18.15
CA GLY A 103 -14.80 -2.23 19.28
C GLY A 103 -14.20 -3.47 19.89
N LYS A 104 -14.38 -4.61 19.24
CA LYS A 104 -13.96 -5.88 19.83
C LYS A 104 -12.72 -6.42 19.18
N CYS A 105 -11.84 -6.98 20.02
CA CYS A 105 -10.67 -7.69 19.56
C CYS A 105 -10.38 -8.80 20.55
N LYS A 106 -10.74 -10.01 20.15
CA LYS A 106 -10.66 -11.19 21.00
C LYS A 106 -9.24 -11.51 21.49
N GLU A 107 -8.24 -11.16 20.69
CA GLU A 107 -6.88 -11.61 20.95
C GLU A 107 -6.05 -10.55 21.62
N LYS A 108 -6.53 -9.31 21.56
CA LYS A 108 -5.90 -8.17 22.26
C LYS A 108 -6.95 -7.21 22.85
N PRO A 109 -7.77 -7.70 23.81
CA PRO A 109 -8.91 -6.93 24.34
C PRO A 109 -8.49 -5.56 24.88
N GLU A 110 -7.26 -5.46 25.42
CA GLU A 110 -6.76 -4.18 25.94
C GLU A 110 -6.44 -3.13 24.87
N LEU A 111 -5.98 -3.55 23.70
CA LEU A 111 -5.58 -2.61 22.65
C LEU A 111 -6.83 -2.04 21.98
N ALA A 112 -7.86 -2.88 21.87
CA ALA A 112 -9.13 -2.43 21.37
C ALA A 112 -9.72 -1.38 22.31
N ALA A 113 -9.50 -1.58 23.61
CA ALA A 113 -10.11 -0.73 24.63
C ALA A 113 -9.44 0.61 24.81
N ILE A 114 -8.15 0.71 24.47
CA ILE A 114 -7.40 1.95 24.73
C ILE A 114 -7.13 2.83 23.50
N LYS A 115 -6.75 4.08 23.75
CA LYS A 115 -6.29 5.01 22.72
C LYS A 115 -4.90 4.59 22.24
N LEU A 116 -4.77 4.35 20.94
CA LEU A 116 -3.50 3.97 20.35
C LEU A 116 -2.95 5.11 19.52
N PRO A 117 -1.62 5.22 19.42
CA PRO A 117 -1.03 6.19 18.49
C PRO A 117 -1.25 5.69 17.05
N LEU A 118 -2.04 6.42 16.26
CA LEU A 118 -2.42 5.93 14.94
C LEU A 118 -2.25 6.99 13.90
N LYS A 119 -1.89 6.57 12.69
CA LYS A 119 -1.89 7.44 11.54
C LYS A 119 -2.82 6.86 10.47
N ALA A 120 -3.57 7.71 9.80
CA ALA A 120 -4.43 7.25 8.74
C ALA A 120 -4.30 8.19 7.55
N LYS A 121 -4.54 7.67 6.35
CA LYS A 121 -4.47 8.53 5.18
C LYS A 121 -5.67 8.25 4.27
N ILE A 122 -6.31 9.30 3.80
CA ILE A 122 -7.36 9.15 2.80
C ILE A 122 -6.94 9.85 1.51
N MET A 123 -6.63 9.06 0.48
CA MET A 123 -6.16 9.62 -0.79
C MET A 123 -7.28 9.72 -1.83
N MET A 124 -7.28 10.83 -2.55
CA MET A 124 -8.23 11.08 -3.64
C MET A 124 -9.66 11.22 -3.13
N LEU A 125 -9.81 12.13 -2.19
CA LEU A 125 -11.07 12.46 -1.59
C LEU A 125 -11.52 13.71 -2.32
N PRO A 126 -12.66 13.63 -3.02
CA PRO A 126 -13.18 14.86 -3.59
C PRO A 126 -13.94 15.66 -2.52
N CYS A 127 -13.81 16.96 -2.52
CA CYS A 127 -14.44 17.75 -1.48
C CYS A 127 -14.77 19.13 -2.03
N LYS A 128 -16.05 19.39 -2.25
CA LYS A 128 -16.47 20.68 -2.80
C LYS A 128 -16.16 21.85 -1.88
N GLY A 129 -16.41 21.67 -0.59
CA GLY A 129 -16.18 22.71 0.41
C GLY A 129 -14.74 23.09 0.71
N GLY A 130 -13.82 22.57 -0.09
CA GLY A 130 -12.41 22.92 0.08
C GLY A 130 -11.76 22.27 1.28
N GLU A 131 -10.55 22.72 1.60
CA GLU A 131 -9.82 22.11 2.70
C GLU A 131 -10.29 22.63 4.06
N GLU A 132 -10.88 23.82 4.09
CA GLU A 132 -11.35 24.40 5.34
C GLU A 132 -12.40 23.54 6.05
N ILE A 133 -13.28 22.91 5.29
CA ILE A 133 -14.27 22.03 5.91
C ILE A 133 -13.62 20.73 6.42
N ILE A 134 -12.53 20.30 5.79
CA ILE A 134 -11.83 19.11 6.27
C ILE A 134 -11.20 19.32 7.65
N TYR A 135 -10.39 20.37 7.77
CA TYR A 135 -9.85 20.80 9.06
C TYR A 135 -10.95 20.94 10.09
N ARG A 136 -12.08 21.51 9.66
CA ARG A 136 -13.23 21.76 10.53
C ARG A 136 -13.91 20.51 11.05
N LEU A 137 -13.84 19.41 10.29
CA LEU A 137 -14.45 18.14 10.73
C LEU A 137 -13.53 17.25 11.55
N PHE A 138 -12.22 17.29 11.26
CA PHE A 138 -11.28 16.37 11.92
C PHE A 138 -10.48 16.95 13.09
N GLU A 139 -10.01 18.20 12.98
CA GLU A 139 -9.25 18.84 14.09
C GLU A 139 -9.95 18.78 15.44
N PRO A 140 -11.26 19.09 15.50
CA PRO A 140 -11.97 19.00 16.78
C PRO A 140 -11.89 17.64 17.43
N LEU A 141 -11.56 16.62 16.66
CA LEU A 141 -11.50 15.26 17.21
C LEU A 141 -10.14 14.93 17.77
N GLY A 142 -9.24 15.90 17.77
CA GLY A 142 -7.91 15.73 18.35
C GLY A 142 -6.88 15.20 17.38
N TYR A 143 -7.19 15.28 16.09
CA TYR A 143 -6.27 14.84 15.05
C TYR A 143 -5.36 16.00 14.63
N LYS A 144 -4.08 15.72 14.52
CA LYS A 144 -3.21 16.59 13.74
C LYS A 144 -3.59 16.30 12.30
N VAL A 145 -4.00 17.34 11.57
CA VAL A 145 -4.56 17.15 10.23
C VAL A 145 -3.78 17.84 9.14
N ASP A 146 -3.45 17.08 8.12
CA ASP A 146 -2.82 17.68 6.95
C ASP A 146 -3.61 17.43 5.67
N VAL A 147 -3.80 18.50 4.90
CA VAL A 147 -4.54 18.41 3.66
C VAL A 147 -3.69 18.80 2.46
N GLU A 148 -3.70 17.96 1.44
CA GLU A 148 -3.01 18.25 0.21
C GLU A 148 -3.99 18.17 -0.95
N GLY A 149 -3.98 19.18 -1.82
CA GLY A 149 -4.90 19.22 -2.94
C GLY A 149 -4.22 19.00 -4.28
N TYR A 150 -5.00 18.61 -5.29
CA TYR A 150 -4.51 18.39 -6.65
C TYR A 150 -5.65 18.13 -7.64
N ARG A 163 -11.13 18.37 -8.52
CA ARG A 163 -10.22 18.58 -7.38
C ARG A 163 -10.36 17.52 -6.29
N TYR A 164 -9.27 16.79 -6.08
CA TYR A 164 -9.23 15.74 -5.08
C TYR A 164 -8.24 16.07 -3.97
N TYR A 165 -8.48 15.49 -2.79
CA TYR A 165 -7.61 15.71 -1.64
C TYR A 165 -6.98 14.50 -1.04
N THR A 166 -5.84 14.73 -0.43
CA THR A 166 -5.24 13.71 0.41
C THR A 166 -5.21 14.25 1.82
N VAL A 167 -5.84 13.53 2.74
CA VAL A 167 -5.96 13.99 4.11
C VAL A 167 -5.17 13.02 4.97
N SER A 168 -4.35 13.58 5.86
CA SER A 168 -3.51 12.78 6.73
C SER A 168 -3.96 13.10 8.14
N LEU A 169 -4.09 12.07 8.97
CA LEU A 169 -4.60 12.21 10.31
C LEU A 169 -3.66 11.46 11.21
N GLU A 170 -3.37 12.01 12.38
CA GLU A 170 -2.54 11.33 13.36
C GLU A 170 -3.05 11.75 14.72
N GLY A 171 -3.31 10.78 15.57
CA GLY A 171 -3.82 11.09 16.88
C GLY A 171 -3.71 9.88 17.78
N GLU A 172 -4.20 10.06 19.00
CA GLU A 172 -4.27 8.97 19.95
C GLU A 172 -5.75 8.73 20.18
N VAL A 173 -6.29 7.77 19.44
CA VAL A 173 -7.70 7.43 19.44
C VAL A 173 -7.77 5.91 19.41
N ARG A 174 -8.94 5.36 19.68
CA ARG A 174 -9.16 3.94 19.57
C ARG A 174 -9.32 3.57 18.10
N VAL A 175 -8.99 2.34 17.74
CA VAL A 175 -9.25 1.83 16.38
C VAL A 175 -10.67 2.15 15.94
N ARG A 176 -11.62 1.81 16.80
CA ARG A 176 -13.04 1.83 16.46
C ARG A 176 -13.48 3.26 16.21
N ASP A 177 -12.80 4.20 16.88
CA ASP A 177 -13.12 5.60 16.72
C ASP A 177 -12.47 6.24 15.48
N LEU A 178 -11.26 5.79 15.14
CA LEU A 178 -10.64 6.20 13.88
C LEU A 178 -11.58 5.79 12.74
N LEU A 179 -11.96 4.52 12.73
CA LEU A 179 -12.84 4.00 11.69
C LEU A 179 -14.20 4.70 11.65
N ASN A 180 -14.77 5.00 12.82
CA ASN A 180 -16.09 5.61 12.90
C ASN A 180 -16.09 7.01 12.35
N HIS A 181 -15.06 7.75 12.70
CA HIS A 181 -14.90 9.11 12.21
C HIS A 181 -14.84 9.16 10.70
N ILE A 182 -14.02 8.28 10.13
CA ILE A 182 -13.84 8.26 8.68
C ILE A 182 -15.14 7.83 8.01
N TYR A 183 -15.73 6.79 8.55
CA TYR A 183 -17.02 6.29 8.07
C TYR A 183 -18.12 7.37 8.08
N VAL A 184 -18.17 8.21 9.11
CA VAL A 184 -19.20 9.27 9.16
C VAL A 184 -18.81 10.54 8.37
N LEU A 185 -17.59 11.00 8.54
CA LEU A 185 -17.22 12.27 7.94
C LEU A 185 -16.95 12.23 6.44
N ILE A 186 -16.49 11.10 5.92
CA ILE A 186 -16.18 11.03 4.49
C ILE A 186 -17.37 11.47 3.62
N PRO A 187 -18.59 10.91 3.89
CA PRO A 187 -19.78 11.30 3.11
C PRO A 187 -20.14 12.78 3.24
N VAL A 188 -20.09 13.29 4.46
CA VAL A 188 -20.23 14.72 4.71
C VAL A 188 -19.30 15.58 3.83
N LEU A 189 -18.08 15.13 3.58
CA LEU A 189 -17.14 15.94 2.80
C LEU A 189 -17.50 15.97 1.32
N ASP A 190 -18.15 14.91 0.83
CA ASP A 190 -18.82 14.98 -0.46
C ASP A 190 -20.19 15.64 -0.37
N ILE A 202 -30.05 7.95 9.44
CA ILE A 202 -29.86 8.29 10.84
C ILE A 202 -29.33 7.15 11.74
N ASP A 203 -29.69 5.90 11.47
CA ASP A 203 -29.13 4.79 12.25
C ASP A 203 -27.60 4.74 12.19
N LYS A 204 -27.02 5.04 11.02
CA LYS A 204 -25.57 5.05 10.85
C LYS A 204 -24.98 6.06 11.79
N LEU A 205 -25.53 7.25 11.73
CA LEU A 205 -25.00 8.37 12.48
C LEU A 205 -25.25 8.11 13.94
N PHE A 206 -26.29 7.33 14.22
CA PHE A 206 -26.62 7.01 15.60
C PHE A 206 -25.61 6.02 16.16
N GLN A 207 -25.47 4.90 15.46
CA GLN A 207 -24.48 3.89 15.80
C GLN A 207 -23.03 4.42 15.79
N HIS A 208 -22.64 5.16 14.75
CA HIS A 208 -21.22 5.57 14.61
C HIS A 208 -20.88 7.00 15.05
N GLY A 209 -21.89 7.80 15.42
CA GLY A 209 -21.66 9.17 15.92
C GLY A 209 -21.33 9.18 17.40
N GLU A 210 -21.40 7.97 17.96
CA GLU A 210 -21.34 7.70 19.39
C GLU A 210 -20.14 8.26 20.13
N GLY A 211 -20.40 9.14 21.09
CA GLY A 211 -19.36 9.54 22.02
C GLY A 211 -18.27 10.36 21.37
N TRP A 212 -18.67 11.14 20.39
CA TRP A 212 -17.79 12.14 19.81
C TRP A 212 -18.63 13.24 19.17
N LEU A 213 -19.79 12.84 18.63
CA LEU A 213 -20.60 13.76 17.82
C LEU A 213 -21.25 14.92 18.62
N VAL A 214 -21.75 14.61 19.82
CA VAL A 214 -22.38 15.61 20.69
C VAL A 214 -21.49 16.84 20.89
N ASP A 215 -20.20 16.61 21.17
CA ASP A 215 -19.28 17.72 21.43
C ASP A 215 -18.59 18.27 20.18
N HIS A 216 -19.22 18.11 19.02
CA HIS A 216 -18.57 18.50 17.78
C HIS A 216 -19.11 19.85 17.30
N PRO A 217 -18.21 20.82 17.15
CA PRO A 217 -18.63 22.17 16.74
C PRO A 217 -19.44 22.16 15.44
N GLU A 218 -19.28 21.10 14.64
CA GLU A 218 -19.97 21.00 13.36
C GLU A 218 -21.04 19.91 13.34
N LYS A 219 -21.38 19.41 14.54
CA LYS A 219 -22.35 18.33 14.71
C LYS A 219 -23.68 18.51 13.97
N GLU A 220 -24.08 19.76 13.72
CA GLU A 220 -25.33 20.02 13.02
C GLU A 220 -25.15 19.92 11.50
N LEU A 221 -24.03 20.42 11.00
CA LEU A 221 -23.66 20.17 9.61
C LEU A 221 -23.60 18.67 9.36
N ILE A 222 -22.97 17.94 10.28
CA ILE A 222 -22.84 16.50 10.11
C ILE A 222 -24.20 15.82 10.07
N THR A 223 -25.05 16.16 11.04
CA THR A 223 -26.39 15.57 11.18
C THR A 223 -27.31 15.70 9.95
N MET B 1 -1.66 -10.17 -8.03
CA MET B 1 -0.55 -10.14 -7.09
C MET B 1 -0.10 -8.69 -6.87
N ILE B 2 0.77 -8.46 -5.90
CA ILE B 2 1.15 -7.10 -5.55
C ILE B 2 2.68 -6.96 -5.49
N LEU B 3 3.18 -5.81 -5.91
CA LEU B 3 4.58 -5.49 -5.74
C LEU B 3 4.71 -4.21 -4.94
N THR B 4 5.52 -4.23 -3.90
CA THR B 4 5.91 -2.97 -3.25
C THR B 4 7.41 -2.72 -3.32
N ILE B 5 7.78 -1.44 -3.34
CA ILE B 5 9.17 -1.09 -3.22
C ILE B 5 9.36 0.01 -2.16
N THR B 6 10.27 -0.22 -1.22
CA THR B 6 10.52 0.71 -0.13
C THR B 6 11.94 1.26 -0.15
N TYR B 7 12.08 2.56 0.09
CA TYR B 7 13.36 3.27 0.12
C TYR B 7 13.33 4.27 1.26
N THR B 8 14.39 4.32 2.05
CA THR B 8 14.41 5.18 3.23
C THR B 8 15.60 6.14 3.35
N GLN B 9 16.31 6.43 2.25
CA GLN B 9 17.42 7.39 2.30
C GLN B 9 16.93 8.82 2.16
N PRO B 10 17.14 9.63 3.21
CA PRO B 10 16.38 10.86 3.28
C PRO B 10 16.80 12.03 2.40
N PRO B 11 16.19 12.10 1.21
CA PRO B 11 14.81 12.54 1.01
C PRO B 11 14.17 11.28 0.39
N ALA B 12 13.57 10.40 1.20
CA ALA B 12 13.09 9.10 0.67
C ALA B 12 12.11 9.27 -0.49
N THR B 13 11.45 10.42 -0.54
CA THR B 13 10.61 10.78 -1.68
C THR B 13 11.33 10.80 -3.02
N ASP B 14 12.65 10.69 -3.03
CA ASP B 14 13.39 10.60 -4.28
C ASP B 14 12.98 9.35 -5.07
N LEU B 15 12.48 8.33 -4.38
CA LEU B 15 11.97 7.16 -5.07
C LEU B 15 10.92 7.56 -6.10
N GLY B 16 10.16 8.60 -5.78
CA GLY B 16 9.21 9.14 -6.73
C GLY B 16 9.82 9.54 -8.06
N TYR B 17 10.95 10.27 -8.03
CA TYR B 17 11.63 10.67 -9.29
C TYR B 17 12.24 9.47 -9.99
N LEU B 18 12.87 8.59 -9.22
CA LEU B 18 13.46 7.37 -9.78
C LEU B 18 12.45 6.49 -10.53
N LEU B 19 11.24 6.38 -9.98
CA LEU B 19 10.21 5.53 -10.57
C LEU B 19 9.41 6.31 -11.59
N HIS B 20 9.62 7.62 -11.62
CA HIS B 20 8.89 8.53 -12.50
C HIS B 20 7.38 8.40 -12.34
N LYS B 21 6.94 8.44 -11.09
CA LYS B 21 5.54 8.32 -10.73
C LYS B 21 5.36 9.18 -9.50
N ASN B 22 4.52 10.22 -9.60
CA ASN B 22 4.30 11.14 -8.48
C ASN B 22 3.53 10.46 -7.35
N PRO B 23 4.12 10.45 -6.15
CA PRO B 23 3.55 9.90 -4.92
C PRO B 23 2.16 10.47 -4.61
N SER B 24 1.92 11.73 -4.95
CA SER B 24 0.64 12.37 -4.62
C SER B 24 -0.47 12.01 -5.60
N ARG B 25 -0.18 11.19 -6.59
CA ARG B 25 -1.22 10.90 -7.57
C ARG B 25 -1.42 9.43 -7.93
N PRO B 26 -2.19 8.69 -7.11
CA PRO B 26 -2.58 7.32 -7.44
C PRO B 26 -3.08 7.23 -8.87
N GLN B 27 -2.89 6.09 -9.50
CA GLN B 27 -3.23 6.00 -10.91
C GLN B 27 -3.58 4.57 -11.28
N THR B 28 -4.48 4.43 -12.24
CA THR B 28 -4.88 3.12 -12.71
C THR B 28 -4.57 2.97 -14.19
N PHE B 29 -4.13 1.76 -14.57
CA PHE B 29 -3.78 1.45 -15.93
C PHE B 29 -4.61 0.28 -16.37
N GLU B 30 -5.27 0.42 -17.52
CA GLU B 30 -6.08 -0.65 -18.09
C GLU B 30 -5.15 -1.50 -18.91
N LEU B 31 -5.25 -2.81 -18.73
CA LEU B 31 -4.34 -3.70 -19.42
C LEU B 31 -5.10 -4.70 -20.30
N ASN B 32 -4.34 -5.53 -21.00
CA ASN B 32 -4.96 -6.70 -21.54
C ASN B 32 -5.56 -7.46 -20.37
N HIS B 33 -6.90 -7.59 -20.35
CA HIS B 33 -7.61 -8.42 -19.36
C HIS B 33 -7.28 -8.17 -17.89
N GLY B 34 -7.32 -6.92 -17.47
CA GLY B 34 -7.17 -6.58 -16.06
C GLY B 34 -6.76 -5.14 -15.83
N LYS B 35 -6.62 -4.76 -14.55
CA LYS B 35 -6.15 -3.43 -14.16
C LYS B 35 -4.88 -3.51 -13.34
N ALA B 36 -4.06 -2.46 -13.44
CA ALA B 36 -2.94 -2.23 -12.52
C ALA B 36 -3.17 -0.91 -11.78
N HIS B 37 -3.10 -0.95 -10.45
CA HIS B 37 -3.23 0.25 -9.64
C HIS B 37 -1.85 0.55 -9.06
N ILE B 38 -1.44 1.80 -9.09
CA ILE B 38 -0.20 2.18 -8.46
C ILE B 38 -0.44 3.35 -7.51
N PHE B 39 0.13 3.25 -6.33
CA PHE B 39 0.08 4.38 -5.41
C PHE B 39 1.21 4.22 -4.43
N TYR B 40 1.41 5.26 -3.64
CA TYR B 40 2.42 5.24 -2.62
C TYR B 40 1.75 5.29 -1.25
N PRO B 41 1.71 4.15 -0.56
CA PRO B 41 1.19 4.17 0.81
C PRO B 41 1.98 5.10 1.73
N GLU B 42 3.23 5.37 1.38
CA GLU B 42 4.07 6.22 2.22
C GLU B 42 5.01 7.06 1.36
N ALA B 43 5.05 8.35 1.62
CA ALA B 43 5.88 9.27 0.82
C ALA B 43 6.37 10.43 1.66
N THR B 44 7.20 10.12 2.66
CA THR B 44 7.81 11.15 3.48
C THR B 44 9.32 11.20 3.23
N SER B 45 9.99 12.12 3.91
CA SER B 45 11.44 12.22 3.85
C SER B 45 12.12 11.03 4.50
N GLU B 46 11.44 10.39 5.45
CA GLU B 46 12.02 9.25 6.14
C GLU B 46 11.76 7.92 5.43
N ARG B 47 10.61 7.80 4.76
CA ARG B 47 10.19 6.50 4.17
C ARG B 47 9.39 6.71 2.91
N CYS B 48 9.64 5.89 1.90
CA CYS B 48 8.83 5.97 0.68
C CYS B 48 8.59 4.59 0.13
N THR B 49 7.32 4.28 -0.10
CA THR B 49 6.91 2.96 -0.51
C THR B 49 5.92 3.07 -1.65
N VAL B 50 6.21 2.36 -2.74
CA VAL B 50 5.31 2.37 -3.87
C VAL B 50 4.62 1.01 -3.85
N ALA B 51 3.37 0.95 -4.30
CA ALA B 51 2.69 -0.33 -4.44
C ALA B 51 2.10 -0.45 -5.82
N LEU B 52 2.15 -1.64 -6.37
CA LEU B 52 1.52 -1.86 -7.66
C LEU B 52 0.67 -3.09 -7.51
N LEU B 53 -0.63 -2.90 -7.65
CA LEU B 53 -1.56 -3.95 -7.30
C LEU B 53 -2.18 -4.41 -8.61
N LEU B 54 -2.14 -5.73 -8.86
CA LEU B 54 -2.70 -6.27 -10.10
C LEU B 54 -4.08 -6.85 -9.91
N ASP B 55 -5.00 -6.44 -10.77
CA ASP B 55 -6.35 -6.99 -10.69
C ASP B 55 -6.64 -7.63 -12.04
N ILE B 56 -6.62 -8.96 -12.08
CA ILE B 56 -6.80 -9.70 -13.34
C ILE B 56 -8.22 -10.24 -13.53
N ASP B 57 -8.68 -10.14 -14.78
CA ASP B 57 -10.05 -10.41 -15.29
C ASP B 57 -10.82 -9.11 -15.55
N SER B 87 3.60 -13.41 -15.59
CA SER B 87 3.78 -12.67 -16.84
C SER B 87 2.98 -11.36 -16.90
N PHE B 88 1.80 -11.37 -16.31
CA PHE B 88 0.96 -10.17 -16.23
C PHE B 88 1.63 -9.08 -15.39
N MET B 89 2.36 -9.48 -14.34
CA MET B 89 3.09 -8.50 -13.52
C MET B 89 4.23 -7.87 -14.28
N SER B 90 4.92 -8.70 -15.07
CA SER B 90 6.04 -8.23 -15.88
C SER B 90 5.53 -7.17 -16.82
N VAL B 91 4.42 -7.49 -17.49
CA VAL B 91 3.75 -6.53 -18.37
C VAL B 91 3.43 -5.26 -17.61
N ALA B 92 2.85 -5.41 -16.43
CA ALA B 92 2.47 -4.25 -15.63
C ALA B 92 3.73 -3.46 -15.25
N ILE B 93 4.79 -4.18 -14.88
CA ILE B 93 6.02 -3.50 -14.47
C ILE B 93 6.61 -2.68 -15.60
N SER B 94 6.74 -3.30 -16.78
CA SER B 94 7.26 -2.55 -17.93
C SER B 94 6.31 -1.43 -18.39
N ARG B 95 5.00 -1.64 -18.37
CA ARG B 95 4.07 -0.52 -18.65
C ARG B 95 4.22 0.64 -17.64
N VAL B 96 4.34 0.33 -16.36
CA VAL B 96 4.24 1.39 -15.34
C VAL B 96 5.61 1.97 -14.98
N PHE B 97 6.64 1.13 -14.97
CA PHE B 97 7.96 1.56 -14.54
C PHE B 97 8.94 1.51 -15.70
N GLY B 98 8.42 1.84 -16.89
CA GLY B 98 9.20 1.83 -18.12
C GLY B 98 10.50 2.64 -18.07
N THR B 99 10.38 3.94 -17.84
CA THR B 99 11.57 4.77 -17.86
C THR B 99 12.60 4.39 -16.78
N ALA B 100 12.14 4.02 -15.58
CA ALA B 100 13.03 3.59 -14.50
C ALA B 100 13.80 2.36 -14.91
N MET B 101 13.18 1.53 -15.73
CA MET B 101 13.85 0.34 -16.18
C MET B 101 15.03 0.71 -17.07
N SER B 102 14.88 1.79 -17.84
CA SER B 102 15.91 2.18 -18.80
C SER B 102 17.16 2.65 -18.07
N GLY B 103 17.00 3.03 -16.81
CA GLY B 103 18.13 3.40 -15.98
C GLY B 103 18.25 4.90 -15.87
N LYS B 104 17.26 5.62 -16.38
CA LYS B 104 17.38 7.07 -16.44
C LYS B 104 16.53 7.76 -15.40
N CYS B 105 17.09 8.81 -14.83
CA CYS B 105 16.36 9.68 -13.93
C CYS B 105 16.92 11.09 -14.09
N LYS B 106 16.16 11.91 -14.80
CA LYS B 106 16.55 13.26 -15.18
C LYS B 106 16.83 14.17 -13.99
N GLU B 107 16.15 13.93 -12.87
CA GLU B 107 16.18 14.88 -11.76
C GLU B 107 17.13 14.43 -10.66
N LYS B 108 17.51 13.15 -10.70
CA LYS B 108 18.51 12.61 -9.78
C LYS B 108 19.45 11.60 -10.49
N PRO B 109 20.23 12.07 -11.50
CA PRO B 109 21.04 11.18 -12.34
C PRO B 109 21.99 10.30 -11.54
N GLU B 110 22.47 10.79 -10.39
CA GLU B 110 23.36 10.02 -9.52
C GLU B 110 22.69 8.84 -8.80
N LEU B 111 21.41 8.99 -8.42
CA LEU B 111 20.72 7.92 -7.67
C LEU B 111 20.34 6.79 -8.61
N ALA B 112 20.01 7.15 -9.84
CA ALA B 112 19.75 6.15 -10.85
C ALA B 112 21.02 5.36 -11.13
N ALA B 113 22.17 6.02 -11.08
CA ALA B 113 23.44 5.41 -11.44
C ALA B 113 24.02 4.50 -10.38
N ILE B 114 23.68 4.74 -9.11
CA ILE B 114 24.29 3.98 -8.02
C ILE B 114 23.41 2.89 -7.38
N LYS B 115 24.05 1.99 -6.63
CA LYS B 115 23.37 0.98 -5.82
C LYS B 115 22.71 1.66 -4.61
N LEU B 116 21.40 1.48 -4.48
CA LEU B 116 20.66 2.06 -3.37
C LEU B 116 20.22 0.96 -2.42
N PRO B 117 20.11 1.28 -1.13
CA PRO B 117 19.52 0.32 -0.19
C PRO B 117 18.01 0.21 -0.47
N LEU B 118 17.56 -0.96 -0.91
CA LEU B 118 16.17 -1.09 -1.35
C LEU B 118 15.55 -2.32 -0.75
N LYS B 119 14.25 -2.23 -0.47
CA LYS B 119 13.45 -3.39 -0.10
C LYS B 119 12.29 -3.53 -1.09
N ALA B 120 11.98 -4.77 -1.48
CA ALA B 120 10.87 -4.99 -2.38
C ALA B 120 10.05 -6.16 -1.85
N LYS B 121 8.77 -6.19 -2.17
CA LYS B 121 7.95 -7.29 -1.74
C LYS B 121 7.05 -7.76 -2.89
N ILE B 122 6.99 -9.07 -3.11
CA ILE B 122 6.06 -9.61 -4.08
C ILE B 122 5.05 -10.50 -3.36
N MET B 123 3.81 -10.05 -3.26
CA MET B 123 2.78 -10.81 -2.55
C MET B 123 1.89 -11.62 -3.50
N MET B 124 1.58 -12.84 -3.09
CA MET B 124 0.69 -13.72 -3.83
C MET B 124 1.28 -14.16 -5.16
N LEU B 125 2.47 -14.71 -5.06
CA LEU B 125 3.20 -15.22 -6.19
C LEU B 125 2.96 -16.72 -6.15
N PRO B 126 2.35 -17.26 -7.20
CA PRO B 126 2.23 -18.71 -7.24
C PRO B 126 3.55 -19.30 -7.77
N CYS B 127 3.98 -20.42 -7.21
CA CYS B 127 5.24 -20.98 -7.61
C CYS B 127 5.21 -22.48 -7.43
N LYS B 128 5.15 -23.22 -8.53
CA LYS B 128 5.09 -24.68 -8.47
C LYS B 128 6.33 -25.31 -7.84
N GLY B 129 7.50 -24.80 -8.21
CA GLY B 129 8.77 -25.32 -7.74
C GLY B 129 9.11 -25.07 -6.27
N GLY B 130 8.15 -24.55 -5.52
CA GLY B 130 8.37 -24.35 -4.10
C GLY B 130 9.23 -23.15 -3.76
N GLU B 131 9.62 -23.04 -2.50
CA GLU B 131 10.42 -21.90 -2.10
C GLU B 131 11.89 -22.07 -2.46
N GLU B 132 12.34 -23.31 -2.63
CA GLU B 132 13.73 -23.55 -2.97
C GLU B 132 14.17 -22.92 -4.29
N ILE B 133 13.29 -22.91 -5.28
CA ILE B 133 13.63 -22.26 -6.53
C ILE B 133 13.65 -20.71 -6.40
N ILE B 134 12.86 -20.19 -5.46
CA ILE B 134 12.87 -18.74 -5.23
C ILE B 134 14.21 -18.26 -4.67
N TYR B 135 14.63 -18.88 -3.56
CA TYR B 135 15.97 -18.65 -2.99
C TYR B 135 17.05 -18.79 -4.05
N ARG B 136 16.88 -19.81 -4.90
CA ARG B 136 17.84 -20.14 -5.97
C ARG B 136 17.94 -19.08 -7.05
N LEU B 137 16.85 -18.35 -7.30
CA LEU B 137 16.87 -17.30 -8.33
C LEU B 137 17.29 -15.92 -7.81
N PHE B 138 16.98 -15.62 -6.55
CA PHE B 138 17.24 -14.28 -6.02
C PHE B 138 18.50 -14.13 -5.14
N GLU B 139 18.79 -15.11 -4.28
CA GLU B 139 20.01 -15.05 -3.43
C GLU B 139 21.31 -14.78 -4.20
N PRO B 140 21.52 -15.48 -5.34
CA PRO B 140 22.73 -15.22 -6.13
C PRO B 140 22.89 -13.78 -6.55
N LEU B 141 21.80 -13.01 -6.51
CA LEU B 141 21.85 -11.62 -6.94
C LEU B 141 22.21 -10.67 -5.82
N GLY B 142 22.48 -11.23 -4.65
CA GLY B 142 22.92 -10.45 -3.49
C GLY B 142 21.78 -9.97 -2.62
N TYR B 143 20.61 -10.57 -2.80
CA TYR B 143 19.44 -10.21 -2.02
C TYR B 143 19.38 -11.06 -0.75
N LYS B 144 19.12 -10.42 0.37
CA LYS B 144 18.63 -11.16 1.52
C LYS B 144 17.21 -11.51 1.17
N VAL B 145 16.88 -12.80 1.18
CA VAL B 145 15.59 -13.27 0.69
C VAL B 145 14.75 -13.97 1.71
N ASP B 146 13.52 -13.54 1.85
CA ASP B 146 12.60 -14.25 2.73
C ASP B 146 11.35 -14.72 1.99
N VAL B 147 10.98 -15.97 2.21
CA VAL B 147 9.82 -16.55 1.57
C VAL B 147 8.79 -17.00 2.59
N GLU B 148 7.54 -16.61 2.36
CA GLU B 148 6.45 -17.03 3.20
C GLU B 148 5.38 -17.68 2.32
N GLY B 149 4.90 -18.85 2.73
CA GLY B 149 3.90 -19.57 1.96
C GLY B 149 2.53 -19.60 2.62
N TYR B 150 1.50 -19.84 1.82
CA TYR B 150 0.12 -19.93 2.30
C TYR B 150 -0.84 -20.41 1.22
N ARG B 163 -1.34 -22.73 -3.81
CA ARG B 163 -0.24 -22.26 -2.97
C ARG B 163 0.44 -21.00 -3.51
N TYR B 164 0.35 -19.92 -2.75
CA TYR B 164 0.94 -18.65 -3.13
C TYR B 164 2.05 -18.25 -2.17
N TYR B 165 2.98 -17.43 -2.66
CA TYR B 165 4.09 -16.94 -1.85
C TYR B 165 4.22 -15.46 -1.70
N THR B 166 4.80 -15.07 -0.57
CA THR B 166 5.22 -13.72 -0.41
C THR B 166 6.74 -13.72 -0.31
N VAL B 167 7.38 -13.00 -1.20
CA VAL B 167 8.84 -12.98 -1.25
C VAL B 167 9.28 -11.58 -0.89
N SER B 168 10.27 -11.50 0.00
CA SER B 168 10.79 -10.23 0.46
C SER B 168 12.24 -10.20 0.06
N LEU B 169 12.68 -9.06 -0.47
CA LEU B 169 14.02 -8.90 -1.01
C LEU B 169 14.56 -7.63 -0.41
N GLU B 170 15.83 -7.64 -0.03
CA GLU B 170 16.49 -6.44 0.44
C GLU B 170 17.93 -6.52 0.02
N GLY B 171 18.42 -5.46 -0.62
CA GLY B 171 19.78 -5.48 -1.09
C GLY B 171 20.23 -4.08 -1.45
N GLU B 172 21.46 -4.00 -1.92
CA GLU B 172 21.99 -2.75 -2.42
C GLU B 172 22.19 -2.95 -3.90
N VAL B 173 21.21 -2.53 -4.67
CA VAL B 173 21.16 -2.70 -6.12
C VAL B 173 20.63 -1.40 -6.68
N ARG B 174 20.75 -1.21 -7.99
CA ARG B 174 20.18 -0.06 -8.66
C ARG B 174 18.69 -0.29 -8.83
N VAL B 175 17.92 0.81 -8.91
CA VAL B 175 16.49 0.72 -9.23
C VAL B 175 16.25 -0.19 -10.41
N ARG B 176 17.00 0.08 -11.48
CA ARG B 176 16.76 -0.53 -12.79
C ARG B 176 17.01 -2.01 -12.71
N ASP B 177 17.92 -2.40 -11.81
CA ASP B 177 18.25 -3.80 -11.63
C ASP B 177 17.26 -4.56 -10.73
N LEU B 178 16.73 -3.87 -9.72
CA LEU B 178 15.65 -4.44 -8.91
C LEU B 178 14.49 -4.76 -9.85
N LEU B 179 14.09 -3.77 -10.64
CA LEU B 179 12.98 -3.96 -11.57
C LEU B 179 13.22 -5.04 -12.60
N ASN B 180 14.46 -5.11 -13.13
CA ASN B 180 14.81 -6.07 -14.16
C ASN B 180 14.75 -7.47 -13.66
N HIS B 181 15.27 -7.68 -12.46
CA HIS B 181 15.27 -8.98 -11.85
C HIS B 181 13.87 -9.50 -11.67
N ILE B 182 12.99 -8.65 -11.16
CA ILE B 182 11.61 -9.05 -10.89
C ILE B 182 10.90 -9.32 -12.21
N TYR B 183 11.09 -8.41 -13.15
CA TYR B 183 10.52 -8.57 -14.48
C TYR B 183 10.95 -9.89 -15.16
N VAL B 184 12.20 -10.30 -15.01
CA VAL B 184 12.67 -11.57 -15.62
C VAL B 184 12.32 -12.82 -14.79
N LEU B 185 12.58 -12.76 -13.49
CA LEU B 185 12.42 -13.96 -12.67
C LEU B 185 10.98 -14.33 -12.34
N ILE B 186 10.10 -13.35 -12.24
CA ILE B 186 8.71 -13.66 -11.87
C ILE B 186 8.10 -14.74 -12.81
N PRO B 187 8.23 -14.56 -14.15
CA PRO B 187 7.68 -15.56 -15.08
C PRO B 187 8.31 -16.94 -14.95
N VAL B 188 9.64 -16.97 -14.84
CA VAL B 188 10.36 -18.20 -14.49
C VAL B 188 9.77 -18.94 -13.26
N LEU B 189 9.32 -18.20 -12.25
CA LEU B 189 8.81 -18.87 -11.05
C LEU B 189 7.44 -19.50 -11.27
N ASP B 190 6.66 -18.96 -12.20
CA ASP B 190 5.50 -19.66 -12.72
C ASP B 190 5.87 -20.68 -13.80
N ILE B 202 13.02 -13.95 -26.29
CA ILE B 202 14.45 -13.74 -26.09
C ILE B 202 14.89 -12.25 -26.02
N ASP B 203 14.24 -11.36 -26.77
CA ASP B 203 14.52 -9.91 -26.67
C ASP B 203 14.42 -9.40 -25.23
N LYS B 204 13.38 -9.86 -24.52
CA LYS B 204 13.15 -9.42 -23.15
C LYS B 204 14.35 -9.80 -22.32
N LEU B 205 14.72 -11.07 -22.44
CA LEU B 205 15.76 -11.62 -21.61
C LEU B 205 17.06 -10.99 -22.04
N PHE B 206 17.13 -10.56 -23.28
CA PHE B 206 18.34 -9.93 -23.79
C PHE B 206 18.49 -8.53 -23.24
N GLN B 207 17.44 -7.73 -23.41
CA GLN B 207 17.38 -6.39 -22.84
C GLN B 207 17.47 -6.38 -21.29
N HIS B 208 16.72 -7.23 -20.60
CA HIS B 208 16.65 -7.17 -19.13
C HIS B 208 17.53 -8.17 -18.37
N GLY B 209 18.21 -9.09 -19.08
CA GLY B 209 19.11 -10.06 -18.44
C GLY B 209 20.49 -9.48 -18.23
N GLU B 210 20.61 -8.25 -18.73
CA GLU B 210 21.87 -7.52 -18.87
C GLU B 210 22.70 -7.37 -17.60
N GLY B 211 23.90 -7.91 -17.61
CA GLY B 211 24.87 -7.61 -16.57
C GLY B 211 24.48 -8.18 -15.23
N TRP B 212 23.84 -9.33 -15.28
CA TRP B 212 23.59 -10.11 -14.08
C TRP B 212 23.39 -11.57 -14.47
N LEU B 213 22.81 -11.79 -15.65
CA LEU B 213 22.38 -13.14 -16.05
C LEU B 213 23.55 -14.11 -16.34
N VAL B 214 24.60 -13.60 -16.98
CA VAL B 214 25.78 -14.42 -17.32
C VAL B 214 26.35 -15.14 -16.08
N ASP B 215 26.46 -14.42 -14.96
CA ASP B 215 27.04 -15.00 -13.75
C ASP B 215 26.01 -15.67 -12.84
N HIS B 216 24.89 -16.12 -13.40
CA HIS B 216 23.84 -16.66 -12.58
C HIS B 216 23.85 -18.18 -12.60
N PRO B 217 23.99 -18.78 -11.41
CA PRO B 217 24.08 -20.24 -11.35
C PRO B 217 22.90 -20.94 -12.01
N GLU B 218 21.79 -20.22 -12.16
CA GLU B 218 20.58 -20.79 -12.76
C GLU B 218 20.24 -20.19 -14.13
N LYS B 219 21.22 -19.47 -14.69
CA LYS B 219 21.07 -18.78 -15.97
C LYS B 219 20.50 -19.62 -17.12
N GLU B 220 20.69 -20.95 -17.06
CA GLU B 220 20.18 -21.82 -18.11
C GLU B 220 18.71 -22.18 -17.86
N LEU B 221 18.35 -22.41 -16.60
CA LEU B 221 16.94 -22.53 -16.23
C LEU B 221 16.21 -21.27 -16.67
N ILE B 222 16.80 -20.11 -16.38
CA ILE B 222 16.15 -18.86 -16.72
C ILE B 222 15.96 -18.72 -18.23
N THR B 223 17.02 -18.98 -18.99
CA THR B 223 17.02 -18.87 -20.45
C THR B 223 15.94 -19.69 -21.18
#